data_4EZT
#
_entry.id   4EZT
#
_cell.length_a   94.676
_cell.length_b   116.618
_cell.length_c   37.982
_cell.angle_alpha   90.00
_cell.angle_beta   90.00
_cell.angle_gamma   90.00
#
_symmetry.space_group_name_H-M   'I 2 2 2'
#
loop_
_entity.id
_entity.type
_entity.pdbx_description
1 polymer 'Chaperone protein DnaK'
2 polymer Heliocin
3 water water
#
loop_
_entity_poly.entity_id
_entity_poly.type
_entity_poly.pdbx_seq_one_letter_code
_entity_poly.pdbx_strand_id
1 'polypeptide(L)'
;VLLLDVTPLSLGIETMGGVMTTLIAKNTTIPTKHSQVFSTAEDNQSAVTIHVLQGERKRAADNKSLGQFNLDGINPAPRG
MPQIEVTFDIDADGILHVSAKDKNSGKEQKITIKASSGLNEDEIQKMVRDAEANAEADRKFEELVQTRNQGDHLLHSTRK
QVEEAGDKLPADDKTAIESALTALETALKGEDKAAIEAKMQELAQVSQKLMEIAQQQHA
;
A
2 'polypeptide(L)' PRRPVIMRR B
#
# COMPACT_ATOMS: atom_id res chain seq x y z
N VAL A 1 -37.56 -9.62 -0.30
CA VAL A 1 -36.90 -10.50 0.72
C VAL A 1 -37.03 -9.85 2.08
N LEU A 2 -37.10 -10.62 3.14
CA LEU A 2 -37.24 -10.03 4.47
C LEU A 2 -35.88 -9.87 5.05
N LEU A 3 -34.91 -10.43 4.36
CA LEU A 3 -33.62 -10.67 4.91
C LEU A 3 -32.58 -10.46 3.83
N LEU A 4 -31.40 -9.99 4.22
CA LEU A 4 -30.25 -9.87 3.35
C LEU A 4 -29.00 -10.34 4.06
N ASP A 5 -28.23 -11.22 3.39
CA ASP A 5 -26.87 -11.57 3.78
C ASP A 5 -25.86 -10.47 3.46
N VAL A 6 -25.18 -9.92 4.45
CA VAL A 6 -24.32 -8.77 4.21
C VAL A 6 -23.02 -8.85 4.96
N THR A 7 -21.98 -8.23 4.37
CA THR A 7 -20.73 -8.10 5.06
C THR A 7 -20.93 -7.14 6.21
N PRO A 8 -20.70 -7.61 7.45
CA PRO A 8 -20.86 -6.72 8.57
C PRO A 8 -19.66 -5.79 8.71
N LEU A 9 -18.53 -6.13 8.07
CA LEU A 9 -17.29 -5.31 8.16
C LEU A 9 -16.55 -5.34 6.85
N SER A 10 -15.80 -4.27 6.54
CA SER A 10 -15.08 -4.18 5.32
C SER A 10 -14.07 -5.34 5.25
N LEU A 11 -13.72 -5.75 4.04
CA LEU A 11 -12.69 -6.78 3.94
C LEU A 11 -11.61 -6.24 3.05
N GLY A 12 -10.38 -6.53 3.39
CA GLY A 12 -9.29 -6.03 2.54
C GLY A 12 -7.94 -6.62 2.78
N ILE A 13 -6.91 -5.90 2.32
CA ILE A 13 -5.55 -6.29 2.53
C ILE A 13 -4.68 -5.14 3.08
N GLU A 14 -3.53 -5.56 3.64
CA GLU A 14 -2.53 -4.63 4.11
C GLU A 14 -1.72 -4.15 2.91
N THR A 15 -1.54 -2.84 2.82
CA THR A 15 -0.74 -2.24 1.77
C THR A 15 0.41 -1.50 2.39
N MET A 16 1.34 -1.02 1.57
CA MET A 16 2.58 -0.48 2.08
C MET A 16 2.36 0.60 3.16
N GLY A 17 3.11 0.55 4.26
CA GLY A 17 2.85 1.56 5.26
C GLY A 17 2.05 1.00 6.41
N GLY A 18 1.55 -0.23 6.29
CA GLY A 18 0.71 -0.77 7.37
C GLY A 18 -0.74 -0.29 7.38
N VAL A 19 -1.29 0.03 6.20
CA VAL A 19 -2.68 0.49 6.11
C VAL A 19 -3.60 -0.58 5.49
N MET A 20 -4.89 -0.57 5.88
CA MET A 20 -5.82 -1.53 5.41
C MET A 20 -6.46 -0.92 4.18
N THR A 21 -6.39 -1.63 3.07
CA THR A 21 -6.99 -1.12 1.86
C THR A 21 -8.19 -2.02 1.61
N THR A 22 -9.34 -1.40 1.35
CA THR A 22 -10.58 -2.16 1.32
C THR A 22 -10.78 -2.69 -0.08
N LEU A 23 -11.12 -3.97 -0.16
CA LEU A 23 -11.52 -4.54 -1.45
C LEU A 23 -13.00 -4.70 -1.46
N ILE A 24 -13.58 -5.17 -0.35
CA ILE A 24 -15.03 -5.27 -0.25
C ILE A 24 -15.55 -4.38 0.91
N ALA A 25 -16.31 -3.37 0.55
CA ALA A 25 -16.93 -2.44 1.51
C ALA A 25 -17.86 -3.14 2.53
N LYS A 26 -17.88 -2.57 3.72
CA LYS A 26 -18.87 -2.88 4.75
C LYS A 26 -20.26 -2.84 4.13
N ASN A 27 -21.12 -3.77 4.51
CA ASN A 27 -22.50 -3.76 4.02
C ASN A 27 -22.70 -4.14 2.55
N THR A 28 -21.88 -5.07 2.04
CA THR A 28 -22.04 -5.53 0.65
C THR A 28 -22.84 -6.82 0.69
N THR A 29 -23.79 -6.95 -0.22
CA THR A 29 -24.55 -8.18 -0.29
C THR A 29 -23.66 -9.17 -0.98
N ILE A 30 -23.74 -10.44 -0.59
CA ILE A 30 -23.00 -11.46 -1.25
C ILE A 30 -24.00 -12.32 -1.96
N PRO A 31 -23.60 -12.96 -3.07
CA PRO A 31 -22.20 -13.01 -3.56
C PRO A 31 -21.69 -11.72 -4.17
N THR A 32 -20.37 -11.56 -4.13
CA THR A 32 -19.74 -10.37 -4.67
C THR A 32 -18.33 -10.73 -5.09
N LYS A 33 -17.81 -10.04 -6.10
CA LYS A 33 -16.40 -10.24 -6.49
C LYS A 33 -15.78 -8.85 -6.77
N HIS A 34 -14.69 -8.48 -6.12
CA HIS A 34 -14.04 -7.21 -6.51
C HIS A 34 -12.59 -7.40 -6.67
N SER A 35 -11.94 -6.60 -7.53
CA SER A 35 -10.52 -6.77 -7.77
CA SER A 35 -10.52 -6.77 -7.71
C SER A 35 -9.83 -5.44 -7.85
N GLN A 36 -8.55 -5.43 -7.55
CA GLN A 36 -7.78 -4.21 -7.72
C GLN A 36 -6.39 -4.60 -8.09
N VAL A 37 -5.71 -3.77 -8.84
CA VAL A 37 -4.32 -4.09 -9.24
C VAL A 37 -3.29 -3.33 -8.40
N PHE A 38 -2.36 -4.08 -7.77
CA PHE A 38 -1.27 -3.56 -6.90
C PHE A 38 0.07 -3.82 -7.52
N SER A 39 1.14 -3.25 -6.96
CA SER A 39 2.46 -3.48 -7.55
C SER A 39 3.55 -3.67 -6.47
N THR A 40 4.79 -3.64 -6.91
CA THR A 40 5.93 -3.86 -6.01
C THR A 40 6.41 -2.57 -5.44
N ALA A 41 7.04 -2.63 -4.26
CA ALA A 41 7.57 -1.40 -3.60
C ALA A 41 9.07 -1.21 -3.83
N GLU A 42 9.76 -2.25 -4.30
CA GLU A 42 11.21 -2.17 -4.50
C GLU A 42 11.62 -2.68 -5.86
N ASP A 43 12.67 -2.10 -6.46
CA ASP A 43 13.24 -2.67 -7.67
C ASP A 43 13.58 -4.15 -7.47
N ASN A 44 13.22 -5.03 -8.41
CA ASN A 44 13.72 -6.43 -8.41
C ASN A 44 12.94 -7.25 -7.40
N GLN A 45 12.02 -6.62 -6.68
CA GLN A 45 11.16 -7.36 -5.74
C GLN A 45 10.74 -8.70 -6.39
N SER A 46 10.91 -9.81 -5.68
CA SER A 46 10.54 -11.09 -6.27
C SER A 46 9.30 -11.73 -5.64
N ALA A 47 8.77 -11.12 -4.58
CA ALA A 47 7.61 -11.68 -3.88
C ALA A 47 6.81 -10.58 -3.14
N VAL A 48 5.54 -10.84 -2.89
CA VAL A 48 4.67 -9.94 -2.08
C VAL A 48 3.91 -10.74 -1.11
N THR A 49 3.65 -10.12 0.05
CA THR A 49 2.86 -10.74 1.10
C THR A 49 1.45 -10.19 1.06
N ILE A 50 0.50 -11.10 0.92
CA ILE A 50 -0.90 -10.78 0.90
C ILE A 50 -1.42 -11.04 2.30
N HIS A 51 -1.88 -9.99 2.96
CA HIS A 51 -2.36 -10.13 4.31
C HIS A 51 -3.79 -9.65 4.33
N VAL A 52 -4.70 -10.62 4.48
CA VAL A 52 -6.15 -10.42 4.55
C VAL A 52 -6.72 -9.94 5.91
N LEU A 53 -7.41 -8.81 5.80
CA LEU A 53 -7.96 -8.07 6.98
C LEU A 53 -9.47 -7.89 6.89
N GLN A 54 -10.09 -7.98 8.05
CA GLN A 54 -11.52 -7.68 8.30
C GLN A 54 -11.56 -6.55 9.29
N GLY A 55 -12.23 -5.47 8.91
CA GLY A 55 -12.50 -4.42 9.87
C GLY A 55 -12.56 -3.05 9.28
N GLU A 56 -12.71 -2.07 10.18
CA GLU A 56 -12.95 -0.73 9.69
C GLU A 56 -11.79 0.20 10.01
N ARG A 57 -10.73 -0.29 10.68
CA ARG A 57 -9.62 0.61 11.16
C ARG A 57 -8.62 0.86 10.05
N LYS A 58 -7.88 1.96 10.17
CA LYS A 58 -6.98 2.36 9.13
C LYS A 58 -5.64 1.69 9.28
N ARG A 59 -5.11 1.50 10.53
CA ARG A 59 -3.93 0.63 10.71
C ARG A 59 -4.35 -0.80 10.50
N ALA A 60 -3.63 -1.47 9.63
CA ALA A 60 -3.77 -2.90 9.45
C ALA A 60 -3.78 -3.65 10.78
N ALA A 61 -2.82 -3.33 11.67
CA ALA A 61 -2.66 -4.01 12.94
C ALA A 61 -3.90 -3.91 13.86
N ASP A 62 -4.81 -2.94 13.60
CA ASP A 62 -6.01 -2.73 14.46
C ASP A 62 -7.22 -3.47 13.89
N ASN A 63 -7.03 -4.20 12.78
CA ASN A 63 -8.09 -5.01 12.21
C ASN A 63 -7.89 -6.50 12.48
N LYS A 64 -8.92 -7.29 12.23
CA LYS A 64 -8.82 -8.72 12.39
C LYS A 64 -8.04 -9.36 11.21
N SER A 65 -6.97 -10.10 11.53
CA SER A 65 -6.27 -10.94 10.55
CA SER A 65 -6.27 -10.93 10.56
C SER A 65 -7.12 -12.14 10.15
N LEU A 66 -7.37 -12.30 8.86
CA LEU A 66 -8.05 -13.50 8.42
C LEU A 66 -7.02 -14.53 7.88
N GLY A 67 -5.74 -14.16 7.79
CA GLY A 67 -4.69 -15.11 7.27
C GLY A 67 -3.72 -14.33 6.38
N GLN A 68 -2.53 -14.90 6.10
CA GLN A 68 -1.72 -14.33 5.06
C GLN A 68 -0.97 -15.39 4.30
N PHE A 69 -0.55 -15.04 3.09
CA PHE A 69 0.20 -15.95 2.18
C PHE A 69 1.10 -15.08 1.33
N ASN A 70 2.21 -15.66 0.83
CA ASN A 70 3.07 -15.02 -0.19
C ASN A 70 2.75 -15.45 -1.64
N LEU A 71 2.83 -14.52 -2.60
CA LEU A 71 2.95 -14.83 -4.04
C LEU A 71 4.42 -14.59 -4.29
N ASP A 72 5.14 -15.54 -4.88
CA ASP A 72 6.49 -15.24 -5.37
C ASP A 72 6.63 -15.44 -6.87
N GLY A 73 7.88 -15.55 -7.34
CA GLY A 73 8.16 -15.76 -8.77
C GLY A 73 7.98 -14.48 -9.55
N ILE A 74 7.88 -13.35 -8.85
CA ILE A 74 7.84 -12.04 -9.56
C ILE A 74 9.21 -11.77 -10.26
N ASN A 75 9.12 -11.49 -11.56
CA ASN A 75 10.31 -11.39 -12.39
C ASN A 75 10.95 -10.04 -12.16
N PRO A 76 12.28 -9.98 -12.22
CA PRO A 76 12.95 -8.67 -12.01
C PRO A 76 12.33 -7.50 -12.85
N ALA A 77 12.09 -6.35 -12.21
CA ALA A 77 11.39 -5.21 -12.80
C ALA A 77 11.64 -4.00 -11.91
N PRO A 78 11.51 -2.77 -12.46
CA PRO A 78 11.47 -1.55 -11.60
C PRO A 78 10.24 -1.63 -10.70
N ARG A 79 10.35 -1.04 -9.51
CA ARG A 79 9.25 -1.05 -8.56
C ARG A 79 8.06 -0.40 -9.26
N GLY A 80 6.86 -0.90 -8.99
CA GLY A 80 5.63 -0.24 -9.41
C GLY A 80 5.24 -0.64 -10.80
N MET A 81 6.02 -1.55 -11.42
CA MET A 81 5.68 -2.05 -12.76
C MET A 81 4.88 -3.36 -12.76
N PRO A 82 5.28 -4.37 -11.93
CA PRO A 82 4.46 -5.62 -12.02
C PRO A 82 3.00 -5.35 -11.65
N GLN A 83 2.10 -6.10 -12.27
CA GLN A 83 0.72 -5.96 -12.03
C GLN A 83 0.33 -7.17 -11.19
N ILE A 84 -0.04 -6.89 -9.96
CA ILE A 84 -0.40 -7.92 -9.06
C ILE A 84 -1.87 -7.73 -8.75
N GLU A 85 -2.71 -8.51 -9.44
CA GLU A 85 -4.13 -8.36 -9.33
C GLU A 85 -4.63 -9.15 -8.18
N VAL A 86 -5.24 -8.47 -7.21
CA VAL A 86 -5.82 -9.14 -6.04
C VAL A 86 -7.35 -9.16 -6.17
N THR A 87 -7.94 -10.34 -6.10
CA THR A 87 -9.36 -10.49 -6.23
C THR A 87 -9.96 -10.98 -4.90
N PHE A 88 -11.00 -10.34 -4.38
CA PHE A 88 -11.78 -10.94 -3.28
C PHE A 88 -13.10 -11.41 -3.89
N ASP A 89 -13.46 -12.64 -3.60
CA ASP A 89 -14.62 -13.31 -4.20
C ASP A 89 -15.37 -14.05 -3.04
N ILE A 90 -16.58 -13.59 -2.75
CA ILE A 90 -17.45 -14.21 -1.73
C ILE A 90 -18.62 -14.87 -2.46
N ASP A 91 -18.73 -16.20 -2.27
CA ASP A 91 -19.76 -16.99 -2.96
C ASP A 91 -21.09 -16.99 -2.19
N ALA A 92 -22.13 -17.56 -2.79
CA ALA A 92 -23.44 -17.70 -2.09
C ALA A 92 -23.39 -18.39 -0.70
N ASP A 93 -22.32 -19.15 -0.41
CA ASP A 93 -22.15 -19.81 0.90
C ASP A 93 -21.37 -18.92 1.90
N GLY A 94 -21.01 -17.71 1.46
CA GLY A 94 -20.25 -16.78 2.29
C GLY A 94 -18.79 -17.14 2.55
N ILE A 95 -18.27 -18.05 1.73
CA ILE A 95 -16.85 -18.39 1.74
C ILE A 95 -16.09 -17.30 0.97
N LEU A 96 -14.98 -16.83 1.54
CA LEU A 96 -14.14 -15.85 0.83
C LEU A 96 -12.90 -16.47 0.16
N HIS A 97 -12.74 -16.21 -1.14
CA HIS A 97 -11.55 -16.63 -1.87
C HIS A 97 -10.78 -15.40 -2.18
N VAL A 98 -9.54 -15.32 -1.68
CA VAL A 98 -8.64 -14.20 -1.98
C VAL A 98 -7.48 -14.69 -2.83
N SER A 99 -7.35 -14.14 -4.01
CA SER A 99 -6.36 -14.62 -4.93
C SER A 99 -5.44 -13.49 -5.29
N ALA A 100 -4.16 -13.80 -5.53
CA ALA A 100 -3.29 -12.77 -6.17
C ALA A 100 -2.59 -13.33 -7.36
N LYS A 101 -2.76 -12.66 -8.51
CA LYS A 101 -2.17 -13.11 -9.77
C LYS A 101 -1.18 -12.07 -10.33
N ASP A 102 -0.04 -12.57 -10.77
CA ASP A 102 0.97 -11.78 -11.46
C ASP A 102 0.61 -11.84 -12.93
N LYS A 103 0.17 -10.70 -13.45
CA LYS A 103 -0.15 -10.66 -14.86
C LYS A 103 1.07 -10.92 -15.78
N ASN A 104 2.30 -10.60 -15.34
CA ASN A 104 3.48 -10.87 -16.23
CA ASN A 104 3.52 -10.77 -16.11
C ASN A 104 3.85 -12.32 -16.24
N SER A 105 4.08 -12.90 -15.06
CA SER A 105 4.54 -14.28 -14.90
C SER A 105 3.39 -15.25 -15.04
N GLY A 106 2.21 -14.87 -14.59
CA GLY A 106 1.02 -15.72 -14.80
C GLY A 106 0.79 -16.57 -13.56
N LYS A 107 1.67 -16.40 -12.57
CA LYS A 107 1.65 -17.11 -11.30
C LYS A 107 0.47 -16.66 -10.42
N GLU A 108 -0.18 -17.62 -9.77
CA GLU A 108 -1.33 -17.30 -8.94
C GLU A 108 -1.16 -17.96 -7.59
N GLN A 109 -1.57 -17.30 -6.51
CA GLN A 109 -1.63 -17.96 -5.18
C GLN A 109 -2.91 -17.52 -4.47
N LYS A 110 -3.42 -18.35 -3.57
CA LYS A 110 -4.78 -18.17 -3.05
C LYS A 110 -4.87 -18.57 -1.58
N ILE A 111 -5.76 -17.91 -0.84
CA ILE A 111 -6.24 -18.34 0.46
C ILE A 111 -7.78 -18.42 0.41
N THR A 112 -8.33 -19.45 1.04
CA THR A 112 -9.76 -19.64 1.14
C THR A 112 -10.14 -19.58 2.64
N ILE A 113 -11.19 -18.79 2.92
CA ILE A 113 -11.51 -18.35 4.28
C ILE A 113 -12.99 -18.61 4.53
N LYS A 114 -13.31 -19.50 5.46
CA LYS A 114 -14.69 -19.94 5.62
C LYS A 114 -15.58 -18.85 6.23
N ALA A 115 -16.89 -19.08 6.13
CA ALA A 115 -17.87 -18.01 6.33
C ALA A 115 -17.96 -17.69 7.81
N SER A 116 -17.45 -18.62 8.64
CA SER A 116 -17.39 -18.50 10.12
C SER A 116 -16.09 -17.86 10.68
N SER A 117 -15.11 -17.62 9.82
CA SER A 117 -13.93 -16.87 10.24
C SER A 117 -14.21 -15.42 10.64
N GLY A 118 -13.27 -14.82 11.36
CA GLY A 118 -13.34 -13.41 11.62
C GLY A 118 -14.11 -13.13 12.90
N LEU A 119 -14.70 -11.94 12.98
CA LEU A 119 -15.17 -11.41 14.25
C LEU A 119 -16.60 -11.82 14.48
N ASN A 120 -16.93 -12.14 15.74
CA ASN A 120 -18.29 -12.53 16.10
C ASN A 120 -19.21 -11.29 16.24
N GLU A 121 -20.50 -11.53 16.46
CA GLU A 121 -21.42 -10.38 16.55
C GLU A 121 -20.99 -9.29 17.49
N ASP A 122 -20.57 -9.63 18.71
CA ASP A 122 -20.11 -8.61 19.67
C ASP A 122 -18.95 -7.79 19.08
N GLU A 123 -17.90 -8.47 18.64
CA GLU A 123 -16.68 -7.78 18.16
C GLU A 123 -16.90 -6.91 16.91
N ILE A 124 -17.87 -7.30 16.08
CA ILE A 124 -18.22 -6.48 14.91
C ILE A 124 -18.67 -5.08 15.42
N GLN A 125 -19.36 -5.07 16.56
CA GLN A 125 -19.87 -3.84 17.18
C GLN A 125 -18.79 -3.12 18.00
N LYS A 126 -17.94 -3.88 18.69
CA LYS A 126 -16.75 -3.30 19.29
C LYS A 126 -15.96 -2.58 18.20
N MET A 127 -15.78 -3.23 17.04
CA MET A 127 -15.02 -2.71 15.87
C MET A 127 -15.68 -1.45 15.29
N VAL A 128 -16.99 -1.53 15.06
CA VAL A 128 -17.72 -0.37 14.50
C VAL A 128 -17.53 0.89 15.40
N ARG A 129 -17.59 0.67 16.71
CA ARG A 129 -17.60 1.68 17.74
C ARG A 129 -16.22 2.29 17.84
N ASP A 130 -15.23 1.41 17.76
CA ASP A 130 -13.84 1.84 17.81
C ASP A 130 -13.42 2.63 16.59
N ALA A 131 -13.94 2.26 15.42
CA ALA A 131 -13.58 2.97 14.18
C ALA A 131 -14.12 4.37 14.33
N GLU A 132 -15.30 4.47 14.93
CA GLU A 132 -15.90 5.78 15.26
C GLU A 132 -15.11 6.54 16.29
N ALA A 133 -14.80 5.88 17.42
CA ALA A 133 -14.04 6.51 18.50
C ALA A 133 -12.71 7.12 17.99
N ASN A 134 -12.06 6.41 17.06
CA ASN A 134 -10.71 6.74 16.63
C ASN A 134 -10.63 7.34 15.23
N ALA A 135 -11.74 7.91 14.75
CA ALA A 135 -11.77 8.45 13.38
C ALA A 135 -10.63 9.45 13.17
N GLU A 136 -10.49 10.42 14.05
CA GLU A 136 -9.47 11.46 13.90
C GLU A 136 -8.09 10.82 13.91
N ALA A 137 -7.80 10.03 14.94
CA ALA A 137 -6.55 9.25 14.99
C ALA A 137 -6.28 8.46 13.70
N ASP A 138 -7.23 7.68 13.23
CA ASP A 138 -7.06 6.93 11.97
C ASP A 138 -6.76 7.77 10.73
N ARG A 139 -7.44 8.91 10.58
CA ARG A 139 -7.18 9.81 9.46
C ARG A 139 -5.75 10.30 9.52
N LYS A 140 -5.32 10.67 10.70
CA LYS A 140 -3.99 11.23 10.85
C LYS A 140 -2.96 10.16 10.49
N PHE A 141 -3.20 8.95 10.96
CA PHE A 141 -2.34 7.84 10.57
C PHE A 141 -2.28 7.71 9.03
N GLU A 142 -3.45 7.69 8.38
CA GLU A 142 -3.49 7.54 6.94
C GLU A 142 -2.80 8.68 6.20
N GLU A 143 -2.94 9.90 6.71
CA GLU A 143 -2.21 11.04 6.15
C GLU A 143 -0.73 10.85 6.33
N LEU A 144 -0.29 10.37 7.49
CA LEU A 144 1.15 10.14 7.70
C LEU A 144 1.68 9.08 6.73
N VAL A 145 0.91 8.02 6.53
CA VAL A 145 1.31 6.94 5.60
C VAL A 145 1.43 7.47 4.19
N GLN A 146 0.43 8.27 3.80
CA GLN A 146 0.40 8.85 2.43
C GLN A 146 1.66 9.74 2.26
N THR A 147 1.90 10.63 3.22
CA THR A 147 3.09 11.48 3.22
C THR A 147 4.39 10.68 3.15
N ARG A 148 4.52 9.63 3.96
CA ARG A 148 5.75 8.85 3.92
C ARG A 148 5.97 8.13 2.55
N ASN A 149 4.88 7.64 1.92
CA ASN A 149 4.98 7.02 0.57
C ASN A 149 5.38 8.05 -0.47
N GLN A 150 4.83 9.24 -0.35
CA GLN A 150 5.22 10.33 -1.22
C GLN A 150 6.69 10.67 -1.06
N GLY A 151 7.12 10.82 0.18
CA GLY A 151 8.54 11.09 0.42
C GLY A 151 9.37 9.98 -0.18
N ASP A 152 9.02 8.72 0.11
CA ASP A 152 9.76 7.61 -0.43
C ASP A 152 9.85 7.61 -1.99
N HIS A 153 8.72 7.86 -2.66
CA HIS A 153 8.71 7.94 -4.09
C HIS A 153 9.69 9.00 -4.59
N LEU A 154 9.70 10.16 -3.91
CA LEU A 154 10.55 11.28 -4.29
C LEU A 154 12.02 10.91 -4.09
N LEU A 155 12.28 10.16 -3.03
CA LEU A 155 13.59 9.69 -2.69
C LEU A 155 14.14 8.74 -3.74
N HIS A 156 13.40 7.70 -3.99
CA HIS A 156 13.70 6.70 -4.96
C HIS A 156 13.82 7.26 -6.34
N SER A 157 12.88 8.09 -6.73
CA SER A 157 12.90 8.73 -8.03
C SER A 157 14.11 9.64 -8.23
N THR A 158 14.39 10.48 -7.25
CA THR A 158 15.44 11.44 -7.38
C THR A 158 16.77 10.74 -7.49
N ARG A 159 16.92 9.63 -6.80
CA ARG A 159 18.14 8.85 -6.89
C ARG A 159 18.39 8.29 -8.29
N LYS A 160 17.37 7.70 -8.88
CA LYS A 160 17.35 7.21 -10.29
C LYS A 160 17.71 8.38 -11.23
N GLN A 161 17.11 9.56 -11.04
CA GLN A 161 17.35 10.74 -11.88
C GLN A 161 18.75 11.31 -11.75
N VAL A 162 19.28 11.33 -10.55
CA VAL A 162 20.70 11.65 -10.33
C VAL A 162 21.59 10.69 -11.11
N GLU A 163 21.31 9.40 -10.98
CA GLU A 163 22.02 8.38 -11.78
C GLU A 163 21.95 8.67 -13.30
N GLU A 164 20.74 8.73 -13.85
CA GLU A 164 20.52 9.08 -15.27
C GLU A 164 21.15 10.38 -15.76
N ALA A 165 21.26 11.38 -14.89
CA ALA A 165 21.87 12.68 -15.20
C ALA A 165 23.38 12.59 -15.40
N GLY A 166 24.03 11.85 -14.48
CA GLY A 166 25.48 11.71 -14.47
C GLY A 166 26.20 13.05 -14.50
N ASP A 167 26.89 13.31 -15.61
CA ASP A 167 27.70 14.50 -15.73
C ASP A 167 26.90 15.77 -15.99
N LYS A 168 25.68 15.64 -16.51
CA LYS A 168 24.86 16.82 -16.82
C LYS A 168 24.59 17.66 -15.56
N LEU A 169 24.49 17.01 -14.39
CA LEU A 169 24.18 17.72 -13.15
C LEU A 169 25.48 18.35 -12.55
N PRO A 170 25.51 19.70 -12.33
CA PRO A 170 26.70 20.36 -11.73
C PRO A 170 27.05 19.88 -10.32
N ALA A 171 28.33 19.96 -9.95
CA ALA A 171 28.80 19.50 -8.65
C ALA A 171 27.92 20.08 -7.57
N ASP A 172 27.79 21.40 -7.56
CA ASP A 172 27.05 22.03 -6.44
C ASP A 172 25.60 21.61 -6.34
N ASP A 173 24.88 21.52 -7.47
CA ASP A 173 23.55 20.83 -7.39
C ASP A 173 23.65 19.43 -6.81
N LYS A 174 24.54 18.60 -7.36
CA LYS A 174 24.61 17.23 -6.85
C LYS A 174 24.81 17.12 -5.33
N THR A 175 25.79 17.85 -4.82
CA THR A 175 26.05 17.86 -3.37
C THR A 175 24.79 18.31 -2.62
N ALA A 176 24.04 19.30 -3.16
CA ALA A 176 22.90 19.81 -2.35
C ALA A 176 21.76 18.81 -2.32
N ILE A 177 21.45 18.29 -3.49
CA ILE A 177 20.48 17.20 -3.62
C ILE A 177 20.78 15.96 -2.80
N GLU A 178 22.00 15.46 -2.86
CA GLU A 178 22.41 14.36 -2.02
C GLU A 178 22.30 14.65 -0.52
N SER A 179 22.64 15.84 -0.05
CA SER A 179 22.43 16.03 1.37
C SER A 179 20.91 16.11 1.72
N ALA A 180 20.08 16.73 0.86
CA ALA A 180 18.62 16.72 0.98
C ALA A 180 18.01 15.30 0.99
N LEU A 181 18.55 14.42 0.17
CA LEU A 181 18.13 13.02 0.17
C LEU A 181 18.52 12.27 1.43
N THR A 182 19.67 12.59 2.01
CA THR A 182 20.02 12.00 3.31
C THR A 182 19.07 12.48 4.37
N ALA A 183 18.84 13.79 4.40
CA ALA A 183 17.89 14.36 5.35
C ALA A 183 16.49 13.76 5.16
N LEU A 184 16.10 13.53 3.90
CA LEU A 184 14.78 12.98 3.68
C LEU A 184 14.64 11.57 4.23
N GLU A 185 15.60 10.73 3.88
CA GLU A 185 15.75 9.36 4.31
C GLU A 185 15.78 9.21 5.83
N THR A 186 16.50 10.07 6.50
CA THR A 186 16.42 10.16 7.97
C THR A 186 15.00 10.42 8.44
N ALA A 187 14.33 11.42 7.83
CA ALA A 187 12.94 11.72 8.22
C ALA A 187 11.95 10.58 7.87
N LEU A 188 12.08 9.97 6.71
CA LEU A 188 11.19 8.81 6.42
C LEU A 188 11.29 7.73 7.50
N LYS A 189 12.45 7.63 8.16
CA LYS A 189 12.57 6.74 9.36
C LYS A 189 11.72 7.09 10.61
N GLY A 190 11.07 8.25 10.67
CA GLY A 190 10.25 8.63 11.86
C GLY A 190 8.77 8.68 11.60
N GLU A 191 8.03 9.32 12.52
CA GLU A 191 6.57 9.37 12.40
C GLU A 191 6.14 10.78 12.51
N ASP A 192 6.97 11.68 11.98
CA ASP A 192 6.79 13.08 12.17
C ASP A 192 6.42 13.57 10.79
N LYS A 193 5.13 13.78 10.60
CA LYS A 193 4.67 14.15 9.27
C LYS A 193 5.37 15.46 8.80
N ALA A 194 5.38 16.46 9.67
CA ALA A 194 5.93 17.78 9.25
C ALA A 194 7.39 17.71 8.83
N ALA A 195 8.19 16.94 9.55
CA ALA A 195 9.63 16.78 9.26
C ALA A 195 9.79 16.23 7.85
N ILE A 196 8.95 15.25 7.51
CA ILE A 196 9.00 14.66 6.15
C ILE A 196 8.64 15.67 5.08
N GLU A 197 7.59 16.46 5.30
CA GLU A 197 7.25 17.45 4.30
C GLU A 197 8.38 18.46 4.21
N ALA A 198 8.93 18.91 5.35
CA ALA A 198 10.08 19.80 5.38
C ALA A 198 11.25 19.32 4.50
N LYS A 199 11.66 18.07 4.67
CA LYS A 199 12.72 17.48 3.86
C LYS A 199 12.30 17.26 2.35
N MET A 200 11.01 17.04 2.08
CA MET A 200 10.55 16.93 0.71
C MET A 200 10.62 18.32 0.11
N GLN A 201 10.23 19.35 0.88
CA GLN A 201 10.37 20.73 0.44
C GLN A 201 11.80 21.14 0.12
N GLU A 202 12.77 20.79 0.99
CA GLU A 202 14.20 21.08 0.80
CA GLU A 202 14.14 21.18 0.75
C GLU A 202 14.69 20.48 -0.50
N LEU A 203 14.28 19.22 -0.73
CA LEU A 203 14.56 18.53 -1.99
C LEU A 203 13.94 19.26 -3.21
N ALA A 204 12.67 19.68 -3.12
CA ALA A 204 12.08 20.42 -4.27
C ALA A 204 12.89 21.69 -4.54
N GLN A 205 13.39 22.27 -3.46
CA GLN A 205 14.11 23.53 -3.53
C GLN A 205 15.48 23.47 -4.15
N VAL A 206 16.16 22.35 -3.97
CA VAL A 206 17.51 22.19 -4.49
C VAL A 206 17.54 21.35 -5.78
N SER A 207 16.36 20.86 -6.24
CA SER A 207 16.35 19.94 -7.40
C SER A 207 16.01 20.61 -8.72
N GLN A 208 15.83 21.93 -8.72
CA GLN A 208 15.31 22.55 -9.94
C GLN A 208 16.13 22.17 -11.23
N LYS A 209 17.46 22.20 -11.12
CA LYS A 209 18.31 21.94 -12.30
C LYS A 209 18.22 20.47 -12.70
N LEU A 210 18.21 19.59 -11.69
CA LEU A 210 18.01 18.16 -11.91
C LEU A 210 16.70 17.87 -12.65
N MET A 211 15.64 18.62 -12.32
CA MET A 211 14.30 18.34 -12.86
C MET A 211 14.25 18.72 -14.36
N GLU A 212 15.01 19.75 -14.70
CA GLU A 212 15.16 20.24 -16.08
C GLU A 212 15.85 19.17 -16.93
N ILE A 213 16.97 18.65 -16.40
CA ILE A 213 17.77 17.60 -17.04
C ILE A 213 16.93 16.35 -17.24
N ALA A 214 16.32 15.85 -16.17
CA ALA A 214 15.43 14.68 -16.30
C ALA A 214 14.26 14.86 -17.30
N GLN A 215 13.63 16.04 -17.30
CA GLN A 215 12.58 16.39 -18.27
C GLN A 215 13.14 16.44 -19.70
N GLN A 216 14.32 17.00 -19.86
CA GLN A 216 14.89 17.11 -21.22
C GLN A 216 15.22 15.76 -21.85
N GLN A 217 15.76 14.83 -21.05
CA GLN A 217 16.29 13.57 -21.58
C GLN A 217 15.28 12.73 -22.35
N PRO B 1 7.78 -10.82 2.84
CA PRO B 1 8.05 -9.95 1.71
C PRO B 1 7.28 -8.63 1.88
N ARG B 2 7.64 -7.61 1.12
CA ARG B 2 6.86 -6.39 1.16
C ARG B 2 5.33 -6.53 0.97
N ARG B 3 4.60 -5.54 1.47
CA ARG B 3 3.17 -5.45 1.18
C ARG B 3 3.05 -4.85 -0.22
N PRO B 4 1.94 -5.15 -0.93
CA PRO B 4 1.61 -4.46 -2.18
C PRO B 4 1.39 -2.98 -1.99
N VAL B 5 1.77 -2.23 -3.02
CA VAL B 5 1.62 -0.81 -3.11
C VAL B 5 0.49 -0.58 -4.04
N ILE B 6 -0.42 0.38 -3.72
CA ILE B 6 -1.48 0.76 -4.67
C ILE B 6 -0.74 1.18 -5.94
N MET B 7 -0.89 0.43 -7.04
CA MET B 7 -0.21 0.76 -8.31
C MET B 7 -0.52 2.19 -8.71
N ARG B 8 0.51 2.86 -9.23
CA ARG B 8 0.44 4.21 -9.77
C ARG B 8 -0.31 4.13 -11.11
N ARG B 9 -1.17 5.11 -11.35
#